data_4GXS
#
_entry.id   4GXS
#
_cell.length_a   96.741
_cell.length_b   121.466
_cell.length_c   48.899
_cell.angle_alpha   90.00
_cell.angle_beta   90.00
_cell.angle_gamma   90.00
#
_symmetry.space_group_name_H-M   'P 21 21 2'
#
loop_
_entity.id
_entity.type
_entity.pdbx_description
1 polymer 'Glutamate receptor 2'
2 non-polymer (5R)-2-[(1S,2R)-2-amino-2-carboxy-1-hydroxyethyl]-5-{(2S)-2-carboxy-2-[(3,5-dichloro-4-hydroxybenzoyl)amino]ethyl}-L-proline
3 non-polymer 'ZINC ION'
4 water water
#
_entity_poly.entity_id   1
_entity_poly.type   'polypeptide(L)'
_entity_poly.pdbx_seq_one_letter_code
;KTVVVTTILESPYVMMKKNHEMLEGNERYEGYCVDLAAEIAKHCGFKYKLTIVGDGKYGARDADTKIWNGMVGELVYGKA
DIAIAPLTITLVREEVIDFSKPFMSLGISIMIKKGTPIESAEDLSKQTEIAYGTLDSGSTKEFFRRSKIAVFDKMWTYMR
SAEPSVFVRTTAEGVARVRKSKGKYAYLLESTMNEYIEQRKPCDTMKVGGNLDSKGYGIATPKGSSLGNAVNLAVLKLNE
QGLLDKLKNKWWYDKGEC
;
_entity_poly.pdbx_strand_id   B,D
#
loop_
_chem_comp.id
_chem_comp.type
_chem_comp.name
_chem_comp.formula
0YS non-polymer (5R)-2-[(1S,2R)-2-amino-2-carboxy-1-hydroxyethyl]-5-{(2S)-2-carboxy-2-[(3,5-dichloro-4-hydroxybenzoyl)amino]ethyl}-L-proline 'C18 H21 Cl2 N3 O9'
ZN non-polymer 'ZINC ION' 'Zn 2'
#
# COMPACT_ATOMS: atom_id res chain seq x y z
N LYS A 1 17.61 28.28 9.35
CA LYS A 1 16.49 27.35 9.28
C LYS A 1 16.77 26.18 8.34
N THR A 2 17.98 25.63 8.38
CA THR A 2 18.24 24.44 7.60
C THR A 2 17.65 23.20 8.28
N VAL A 3 16.80 22.47 7.57
CA VAL A 3 16.20 21.27 8.13
C VAL A 3 17.19 20.12 8.15
N VAL A 4 17.35 19.49 9.31
CA VAL A 4 18.21 18.33 9.41
C VAL A 4 17.47 17.05 9.07
N VAL A 5 17.84 16.44 7.96
CA VAL A 5 17.22 15.21 7.50
C VAL A 5 18.08 14.00 7.88
N THR A 6 17.52 13.07 8.64
CA THR A 6 18.27 11.87 8.91
C THR A 6 17.88 10.75 7.95
N THR A 7 18.83 9.90 7.63
CA THR A 7 18.53 8.84 6.72
C THR A 7 19.54 7.74 7.03
N ILE A 8 19.49 6.65 6.30
CA ILE A 8 20.37 5.53 6.56
C ILE A 8 20.97 5.11 5.23
N LEU A 9 22.22 4.65 5.24
CA LEU A 9 22.89 4.23 4.00
C LEU A 9 22.48 2.79 3.69
N GLU A 10 21.59 2.70 2.71
CA GLU A 10 20.97 1.45 2.35
C GLU A 10 20.65 1.60 0.89
N SER A 11 21.25 0.80 0.02
CA SER A 11 20.95 0.88 -1.43
C SER A 11 19.55 0.31 -1.75
N PRO A 12 18.84 0.91 -2.70
CA PRO A 12 19.25 2.07 -3.49
C PRO A 12 18.65 3.37 -2.96
N TYR A 13 18.34 3.40 -1.68
CA TYR A 13 17.70 4.57 -1.06
C TYR A 13 18.69 5.72 -0.88
N VAL A 14 19.84 5.41 -0.30
CA VAL A 14 20.87 6.42 -0.10
C VAL A 14 22.22 5.72 -0.22
N MET A 15 23.04 6.22 -1.15
CA MET A 15 24.33 5.64 -1.44
C MET A 15 25.36 6.76 -1.61
N MET A 16 26.58 6.49 -1.18
CA MET A 16 27.73 7.32 -1.52
C MET A 16 27.97 7.21 -3.02
N LYS A 17 27.98 8.34 -3.73
CA LYS A 17 28.38 8.34 -5.13
C LYS A 17 29.81 7.79 -5.26
N LYS A 18 30.06 7.07 -6.34
CA LYS A 18 31.39 6.50 -6.55
C LYS A 18 32.47 7.54 -6.39
N ASN A 19 33.48 7.21 -5.59
CA ASN A 19 34.65 8.03 -5.40
C ASN A 19 34.39 9.36 -4.71
N HIS A 20 33.27 9.47 -3.99
CA HIS A 20 32.97 10.68 -3.27
C HIS A 20 33.32 10.65 -1.77
N GLU A 21 34.08 9.66 -1.32
CA GLU A 21 34.46 9.61 0.11
C GLU A 21 34.95 10.95 0.64
N MET A 22 35.88 11.57 -0.08
CA MET A 22 36.43 12.85 0.38
C MET A 22 35.66 14.11 -0.08
N LEU A 23 34.48 13.96 -0.67
CA LEU A 23 33.71 15.15 -1.01
C LEU A 23 32.74 15.48 0.13
N GLU A 24 32.10 16.66 0.08
CA GLU A 24 31.27 17.15 1.19
C GLU A 24 29.85 17.47 0.80
N GLY A 25 28.97 17.49 1.80
CA GLY A 25 27.63 18.02 1.63
C GLY A 25 26.64 17.03 1.05
N ASN A 26 25.46 17.54 0.74
CA ASN A 26 24.41 16.71 0.18
C ASN A 26 24.87 16.01 -1.09
N GLU A 27 25.78 16.67 -1.83
CA GLU A 27 26.18 16.21 -3.17
C GLU A 27 26.87 14.85 -3.19
N ARG A 28 27.37 14.41 -2.03
CA ARG A 28 28.01 13.10 -1.90
C ARG A 28 27.05 11.93 -2.15
N TYR A 29 25.76 12.17 -1.90
CA TYR A 29 24.77 11.10 -1.86
C TYR A 29 23.89 11.02 -3.11
N GLU A 30 23.48 9.81 -3.44
CA GLU A 30 22.49 9.63 -4.49
C GLU A 30 21.52 8.50 -4.09
N GLY A 31 20.41 8.40 -4.82
CA GLY A 31 19.48 7.34 -4.53
C GLY A 31 18.04 7.78 -4.44
N TYR A 32 17.18 6.80 -4.24
CA TYR A 32 15.74 7.03 -4.26
C TYR A 32 15.34 8.02 -3.18
N CYS A 33 15.80 7.80 -1.96
CA CYS A 33 15.46 8.73 -0.87
C CYS A 33 16.18 10.07 -1.01
N VAL A 34 17.33 10.10 -1.67
CA VAL A 34 17.96 11.39 -1.95
C VAL A 34 17.09 12.20 -2.93
N ASP A 35 16.66 11.55 -4.01
CA ASP A 35 15.72 12.18 -4.94
C ASP A 35 14.42 12.57 -4.24
N LEU A 36 13.90 11.72 -3.38
CA LEU A 36 12.65 12.01 -2.70
C LEU A 36 12.77 13.22 -1.76
N ALA A 37 13.87 13.29 -1.01
CA ALA A 37 14.09 14.43 -0.12
C ALA A 37 14.10 15.73 -0.93
N ALA A 38 14.79 15.74 -2.07
CA ALA A 38 14.84 16.93 -2.91
C ALA A 38 13.43 17.36 -3.35
N GLU A 39 12.55 16.41 -3.63
CA GLU A 39 11.16 16.72 -4.01
C GLU A 39 10.35 17.22 -2.84
N ILE A 40 10.42 16.51 -1.73
CA ILE A 40 9.73 16.96 -0.53
C ILE A 40 10.15 18.40 -0.17
N ALA A 41 11.45 18.66 -0.23
CA ALA A 41 12.01 19.95 0.19
C ALA A 41 11.51 21.05 -0.72
N LYS A 42 11.51 20.76 -2.02
CA LYS A 42 11.08 21.70 -3.04
C LYS A 42 9.61 22.01 -2.87
N HIS A 43 8.81 20.97 -2.67
CA HIS A 43 7.36 21.14 -2.57
C HIS A 43 6.92 21.75 -1.25
N CYS A 44 7.68 21.52 -0.19
CA CYS A 44 7.40 22.16 1.09
C CYS A 44 8.18 23.44 1.29
N GLY A 45 9.05 23.78 0.35
CA GLY A 45 9.85 24.99 0.45
C GLY A 45 10.83 25.14 1.61
N PHE A 46 11.69 24.14 1.82
CA PHE A 46 12.76 24.27 2.81
C PHE A 46 14.14 23.85 2.29
N LYS A 47 15.20 24.34 2.96
CA LYS A 47 16.56 23.93 2.69
C LYS A 47 16.90 22.87 3.69
N TYR A 48 17.80 21.95 3.33
CA TYR A 48 18.07 20.83 4.21
C TYR A 48 19.49 20.30 4.11
N LYS A 49 19.90 19.58 5.14
CA LYS A 49 21.16 18.90 5.12
C LYS A 49 20.89 17.44 5.40
N LEU A 50 21.33 16.56 4.50
CA LEU A 50 21.24 15.12 4.74
C LEU A 50 22.31 14.66 5.71
N THR A 51 21.90 13.96 6.76
CA THR A 51 22.85 13.32 7.66
C THR A 51 22.53 11.85 7.76
N ILE A 52 23.55 11.03 7.92
CA ILE A 52 23.36 9.61 8.10
C ILE A 52 23.21 9.32 9.56
N VAL A 53 22.16 8.56 9.90
CA VAL A 53 21.88 8.21 11.27
C VAL A 53 23.16 7.78 11.98
N GLY A 54 23.43 8.43 13.12
CA GLY A 54 24.63 8.19 13.91
C GLY A 54 24.98 6.73 14.14
N ASP A 55 24.01 5.94 14.62
CA ASP A 55 24.25 4.56 15.05
C ASP A 55 23.89 3.51 14.01
N GLY A 56 23.60 3.93 12.78
CA GLY A 56 23.28 3.00 11.72
C GLY A 56 22.03 2.14 11.85
N LYS A 57 21.08 2.56 12.69
CA LYS A 57 19.84 1.78 12.95
C LYS A 57 18.57 2.48 12.45
N TYR A 58 17.49 1.72 12.25
CA TYR A 58 16.23 2.31 11.80
C TYR A 58 15.45 2.95 12.94
N GLY A 59 15.14 2.18 13.97
CA GLY A 59 14.53 2.77 15.15
C GLY A 59 13.76 1.76 15.95
N ALA A 60 14.36 1.33 17.06
CA ALA A 60 13.72 0.37 17.95
C ALA A 60 13.90 0.85 19.39
N ARG A 61 12.92 0.53 20.22
CA ARG A 61 12.99 0.89 21.63
C ARG A 61 13.56 -0.29 22.41
N ASP A 62 14.71 -0.08 23.02
CA ASP A 62 15.32 -1.12 23.85
C ASP A 62 14.34 -1.56 24.92
N ALA A 63 13.85 -2.79 24.80
CA ALA A 63 12.81 -3.30 25.70
C ALA A 63 13.11 -2.94 27.15
N ASP A 64 14.34 -3.21 27.58
CA ASP A 64 14.77 -2.97 28.96
C ASP A 64 14.87 -1.48 29.32
N THR A 65 15.74 -0.77 28.64
CA THR A 65 16.02 0.64 28.95
C THR A 65 15.01 1.62 28.35
N LYS A 66 14.07 1.10 27.56
CA LYS A 66 13.08 1.92 26.87
C LYS A 66 13.67 3.10 26.08
N ILE A 67 14.96 3.03 25.73
CA ILE A 67 15.57 4.07 24.91
C ILE A 67 15.37 3.76 23.40
N TRP A 68 15.03 4.76 22.60
CA TRP A 68 14.88 4.58 21.15
C TRP A 68 16.24 4.76 20.46
N ASN A 69 16.60 3.81 19.61
CA ASN A 69 17.81 3.97 18.83
C ASN A 69 17.49 4.41 17.40
N GLY A 70 18.52 4.55 16.58
CA GLY A 70 18.33 4.79 15.16
C GLY A 70 17.70 6.12 14.76
N MET A 71 17.00 6.09 13.63
CA MET A 71 16.37 7.32 13.14
C MET A 71 15.23 7.77 14.05
N VAL A 72 14.47 6.82 14.61
CA VAL A 72 13.38 7.21 15.51
C VAL A 72 14.02 7.95 16.72
N GLY A 73 15.12 7.40 17.25
CA GLY A 73 15.84 8.02 18.35
C GLY A 73 16.25 9.44 18.03
N GLU A 74 16.79 9.64 16.84
CA GLU A 74 17.17 10.99 16.45
C GLU A 74 16.03 12.00 16.33
N LEU A 75 14.84 11.54 15.93
CA LEU A 75 13.72 12.48 15.95
C LEU A 75 13.28 12.72 17.39
N VAL A 76 13.20 11.66 18.19
CA VAL A 76 12.50 11.80 19.46
C VAL A 76 13.43 12.44 20.49
N TYR A 77 14.74 12.28 20.31
CA TYR A 77 15.68 12.92 21.23
C TYR A 77 16.23 14.22 20.68
N GLY A 78 15.63 14.70 19.60
CA GLY A 78 15.86 16.06 19.15
C GLY A 78 17.10 16.30 18.31
N LYS A 79 17.58 15.28 17.62
CA LYS A 79 18.80 15.41 16.82
C LYS A 79 18.58 15.64 15.31
N ALA A 80 17.36 15.46 14.82
CA ALA A 80 17.04 15.59 13.40
C ALA A 80 15.58 15.98 13.28
N ASP A 81 15.23 16.69 12.23
CA ASP A 81 13.88 17.22 12.05
C ASP A 81 12.94 16.31 11.28
N ILE A 82 13.50 15.44 10.45
CA ILE A 82 12.69 14.59 9.60
C ILE A 82 13.53 13.42 9.19
N ALA A 83 12.92 12.25 9.11
CA ALA A 83 13.62 11.05 8.64
C ALA A 83 13.03 10.66 7.29
N ILE A 84 13.89 10.56 6.28
CA ILE A 84 13.45 10.20 4.92
C ILE A 84 14.28 9.01 4.53
N ALA A 85 13.65 7.85 4.55
CA ALA A 85 14.36 6.61 4.56
C ALA A 85 13.37 5.47 4.45
N PRO A 86 13.86 4.26 4.15
CA PRO A 86 12.98 3.09 4.13
C PRO A 86 12.56 2.68 5.55
N LEU A 87 11.77 3.55 6.20
CA LEU A 87 11.33 3.35 7.58
C LEU A 87 9.90 2.82 7.62
N THR A 88 9.71 1.60 8.10
CA THR A 88 8.38 1.00 8.07
C THR A 88 7.42 1.69 9.02
N ILE A 89 6.21 1.95 8.56
CA ILE A 89 5.18 2.52 9.43
C ILE A 89 4.72 1.42 10.37
N THR A 90 4.92 1.58 11.68
CA THR A 90 4.45 0.59 12.65
C THR A 90 3.75 1.26 13.84
N LEU A 91 2.94 0.48 14.54
CA LEU A 91 2.18 0.99 15.66
C LEU A 91 3.07 1.58 16.73
N VAL A 92 4.13 0.85 17.14
CA VAL A 92 5.00 1.37 18.22
C VAL A 92 5.71 2.67 17.84
N ARG A 93 6.12 2.81 16.58
CA ARG A 93 6.70 4.07 16.16
C ARG A 93 5.69 5.20 16.08
N GLU A 94 4.48 4.91 15.60
CA GLU A 94 3.48 5.96 15.40
C GLU A 94 3.00 6.51 16.73
N GLU A 95 3.27 5.77 17.81
CA GLU A 95 3.00 6.33 19.12
C GLU A 95 3.97 7.46 19.50
N VAL A 96 5.15 7.52 18.89
CA VAL A 96 6.17 8.50 19.29
C VAL A 96 6.60 9.49 18.20
N ILE A 97 6.38 9.16 16.93
CA ILE A 97 6.59 10.12 15.85
C ILE A 97 5.39 10.07 14.91
N ASP A 98 5.27 11.04 14.00
CA ASP A 98 4.23 11.01 12.97
C ASP A 98 4.79 10.47 11.67
N PHE A 99 3.99 9.67 10.98
CA PHE A 99 4.35 9.19 9.67
C PHE A 99 3.49 9.86 8.60
N SER A 100 4.12 10.15 7.46
CA SER A 100 3.38 10.49 6.28
C SER A 100 2.61 9.26 5.83
N LYS A 101 1.64 9.47 4.96
CA LYS A 101 1.09 8.36 4.21
C LYS A 101 2.26 7.66 3.53
N PRO A 102 2.12 6.35 3.25
CA PRO A 102 3.27 5.61 2.72
C PRO A 102 3.70 6.13 1.37
N PHE A 103 5.02 6.21 1.13
CA PHE A 103 5.51 6.55 -0.19
C PHE A 103 5.85 5.29 -0.98
N MET A 104 5.87 4.16 -0.30
CA MET A 104 6.22 2.91 -0.97
C MET A 104 5.53 1.78 -0.23
N SER A 105 5.00 0.82 -0.98
CA SER A 105 4.35 -0.35 -0.41
C SER A 105 5.34 -1.49 -0.46
N LEU A 106 5.19 -2.44 0.46
CA LEU A 106 6.08 -3.60 0.48
C LEU A 106 5.46 -4.75 1.28
N GLY A 107 6.13 -5.89 1.26
CA GLY A 107 5.68 -7.04 2.03
C GLY A 107 6.80 -8.04 2.16
N ILE A 108 6.65 -9.02 3.03
CA ILE A 108 7.61 -10.12 3.12
C ILE A 108 7.54 -10.98 1.85
N SER A 109 8.68 -11.32 1.29
CA SER A 109 8.71 -12.17 0.11
C SER A 109 9.89 -13.13 0.19
N ILE A 110 9.97 -14.03 -0.78
CA ILE A 110 10.98 -15.08 -0.78
C ILE A 110 12.04 -14.83 -1.81
N MET A 111 13.29 -14.93 -1.40
CA MET A 111 14.44 -14.84 -2.29
C MET A 111 15.05 -16.22 -2.46
N ILE A 112 15.21 -16.69 -3.70
CA ILE A 112 15.88 -17.96 -3.95
C ILE A 112 17.05 -17.74 -4.87
N LYS A 113 17.99 -18.68 -4.86
CA LYS A 113 18.98 -18.72 -5.93
C LYS A 113 18.27 -19.26 -7.16
N LYS A 114 18.52 -18.67 -8.32
CA LYS A 114 17.84 -19.10 -9.54
C LYS A 114 18.12 -20.56 -9.81
N GLY A 115 17.05 -21.32 -10.02
CA GLY A 115 17.13 -22.75 -10.31
C GLY A 115 16.45 -23.51 -9.20
N THR A 116 16.36 -22.87 -8.03
CA THR A 116 15.76 -23.50 -6.89
C THR A 116 14.29 -23.77 -7.18
N PRO A 117 13.85 -25.01 -6.96
CA PRO A 117 12.48 -25.41 -7.32
C PRO A 117 11.48 -25.04 -6.24
N ILE A 118 11.39 -23.77 -5.92
CA ILE A 118 10.43 -23.31 -4.95
C ILE A 118 9.73 -22.15 -5.60
N GLU A 119 8.41 -22.10 -5.51
CA GLU A 119 7.63 -21.04 -6.14
C GLU A 119 6.79 -20.22 -5.15
N SER A 120 6.72 -20.66 -3.89
CA SER A 120 5.85 -19.99 -2.91
C SER A 120 6.21 -20.37 -1.49
N ALA A 121 5.63 -19.65 -0.55
CA ALA A 121 5.84 -19.99 0.85
C ALA A 121 5.29 -21.36 1.16
N GLU A 122 4.13 -21.67 0.60
CA GLU A 122 3.57 -22.99 0.85
C GLU A 122 4.54 -24.08 0.39
N ASP A 123 5.13 -23.91 -0.80
CA ASP A 123 6.19 -24.81 -1.27
C ASP A 123 7.27 -25.01 -0.21
N LEU A 124 7.78 -23.92 0.34
CA LEU A 124 8.81 -24.03 1.38
C LEU A 124 8.30 -24.80 2.57
N SER A 125 7.04 -24.57 2.93
CA SER A 125 6.50 -25.13 4.17
C SER A 125 6.37 -26.65 4.10
N LYS A 126 6.31 -27.20 2.89
CA LYS A 126 6.02 -28.62 2.71
C LYS A 126 7.28 -29.49 2.64
N GLN A 127 8.45 -28.88 2.77
CA GLN A 127 9.70 -29.61 2.59
C GLN A 127 10.76 -29.22 3.60
N THR A 128 11.91 -29.92 3.57
CA THR A 128 13.03 -29.62 4.48
C THR A 128 14.38 -29.63 3.76
N GLU A 129 14.39 -30.11 2.52
CA GLU A 129 15.62 -30.11 1.72
C GLU A 129 16.22 -28.71 1.50
N ILE A 130 15.37 -27.73 1.22
CA ILE A 130 15.81 -26.35 1.13
C ILE A 130 15.53 -25.64 2.46
N ALA A 131 16.59 -25.23 3.14
CA ALA A 131 16.48 -24.50 4.39
C ALA A 131 16.06 -23.07 4.07
N TYR A 132 15.38 -22.45 5.01
CA TYR A 132 14.94 -21.06 4.81
C TYR A 132 14.84 -20.32 6.13
N GLY A 133 15.07 -19.02 6.06
CA GLY A 133 15.09 -18.22 7.27
C GLY A 133 15.05 -16.74 6.97
N THR A 134 15.33 -15.96 8.00
CA THR A 134 15.15 -14.55 7.94
C THR A 134 16.18 -13.92 8.86
N LEU A 135 16.24 -12.60 8.81
CA LEU A 135 17.00 -11.81 9.75
C LEU A 135 16.66 -12.25 11.19
N ASP A 136 17.67 -12.52 12.00
CA ASP A 136 17.40 -13.08 13.33
C ASP A 136 16.69 -12.13 14.30
N SER A 137 16.79 -10.83 14.03
CA SER A 137 15.95 -9.87 14.76
C SER A 137 15.31 -8.90 13.77
N GLY A 138 14.00 -8.83 13.78
CA GLY A 138 13.36 -7.90 12.88
C GLY A 138 11.93 -8.24 12.62
N SER A 139 11.32 -7.47 11.73
CA SER A 139 9.90 -7.55 11.47
C SER A 139 9.54 -8.91 10.96
N THR A 140 10.38 -9.46 10.09
CA THR A 140 9.98 -10.69 9.45
C THR A 140 9.86 -11.79 10.49
N LYS A 141 10.89 -11.95 11.31
CA LYS A 141 10.84 -12.96 12.35
C LYS A 141 9.58 -12.80 13.19
N GLU A 142 9.28 -11.57 13.59
CA GLU A 142 8.17 -11.36 14.48
C GLU A 142 6.88 -11.67 13.77
N PHE A 143 6.80 -11.30 12.49
CA PHE A 143 5.63 -11.68 11.70
C PHE A 143 5.35 -13.17 11.83
N PHE A 144 6.37 -14.00 11.63
CA PHE A 144 6.17 -15.45 11.66
C PHE A 144 5.90 -15.96 13.06
N ARG A 145 6.62 -15.39 14.03
CA ARG A 145 6.38 -15.74 15.42
C ARG A 145 4.89 -15.56 15.74
N ARG A 146 4.33 -14.41 15.34
CA ARG A 146 2.95 -14.03 15.72
C ARG A 146 1.84 -14.74 14.96
N SER A 147 2.18 -15.32 13.80
CA SER A 147 1.15 -15.64 12.80
C SER A 147 0.27 -16.85 13.14
N LYS A 148 -1.03 -16.69 12.91
CA LYS A 148 -2.00 -17.73 13.21
C LYS A 148 -2.37 -18.47 11.94
N ILE A 149 -1.72 -18.09 10.85
CA ILE A 149 -1.99 -18.69 9.56
C ILE A 149 -1.23 -20.02 9.48
N ALA A 150 -1.93 -21.07 9.07
CA ALA A 150 -1.40 -22.43 9.05
C ALA A 150 -0.01 -22.53 8.45
N VAL A 151 0.11 -22.19 7.17
CA VAL A 151 1.37 -22.30 6.46
C VAL A 151 2.49 -21.55 7.17
N PHE A 152 2.20 -20.33 7.64
CA PHE A 152 3.21 -19.53 8.31
C PHE A 152 3.58 -20.08 9.70
N ASP A 153 2.59 -20.54 10.45
CA ASP A 153 2.92 -21.15 11.75
C ASP A 153 3.77 -22.39 11.53
N LYS A 154 3.42 -23.16 10.50
CA LYS A 154 4.24 -24.31 10.15
C LYS A 154 5.69 -23.91 9.84
N MET A 155 5.87 -22.82 9.08
CA MET A 155 7.21 -22.36 8.74
C MET A 155 7.95 -21.86 9.98
N TRP A 156 7.21 -21.25 10.89
CA TRP A 156 7.81 -20.78 12.12
C TRP A 156 8.22 -21.96 12.98
N THR A 157 7.35 -22.96 13.09
CA THR A 157 7.71 -24.17 13.83
C THR A 157 9.04 -24.71 13.29
N TYR A 158 9.17 -24.80 11.96
CA TYR A 158 10.42 -25.25 11.35
C TYR A 158 11.63 -24.36 11.67
N MET A 159 11.52 -23.06 11.44
CA MET A 159 12.67 -22.19 11.56
C MET A 159 13.13 -22.04 13.00
N ARG A 160 12.17 -22.07 13.92
CA ARG A 160 12.44 -21.85 15.35
C ARG A 160 13.54 -22.80 15.81
N SER A 161 13.42 -24.05 15.41
CA SER A 161 14.31 -25.10 15.90
C SER A 161 15.23 -25.69 14.84
N ALA A 162 15.47 -24.97 13.75
CA ALA A 162 16.31 -25.49 12.67
C ALA A 162 17.79 -25.50 13.03
N GLU A 163 18.52 -26.50 12.55
CA GLU A 163 19.95 -26.62 12.83
C GLU A 163 20.74 -27.12 11.61
N PRO A 164 21.82 -26.39 11.24
CA PRO A 164 22.30 -25.18 11.91
C PRO A 164 21.26 -24.07 11.80
N SER A 165 21.46 -22.98 12.52
CA SER A 165 20.48 -21.89 12.54
C SER A 165 20.13 -21.38 11.14
N VAL A 166 18.85 -21.18 10.87
CA VAL A 166 18.44 -20.64 9.58
C VAL A 166 18.43 -19.10 9.60
N PHE A 167 18.69 -18.51 10.76
CA PHE A 167 18.67 -17.05 10.91
C PHE A 167 19.99 -16.37 10.59
N VAL A 168 19.92 -15.13 10.15
CA VAL A 168 21.12 -14.42 9.77
C VAL A 168 21.18 -13.10 10.53
N ARG A 169 22.40 -12.65 10.79
CA ARG A 169 22.61 -11.46 11.60
C ARG A 169 22.31 -10.18 10.82
N THR A 170 22.75 -10.10 9.56
CA THR A 170 22.46 -8.95 8.71
C THR A 170 21.80 -9.40 7.39
N THR A 171 21.45 -8.42 6.58
CA THR A 171 20.79 -8.66 5.29
C THR A 171 21.76 -9.11 4.21
N ALA A 172 22.97 -8.55 4.25
CA ALA A 172 23.98 -8.94 3.28
C ALA A 172 24.37 -10.38 3.54
N GLU A 173 24.23 -10.79 4.79
CA GLU A 173 24.55 -12.15 5.21
C GLU A 173 23.49 -13.11 4.65
N GLY A 174 22.24 -12.66 4.65
CA GLY A 174 21.14 -13.49 4.18
C GLY A 174 21.25 -13.68 2.69
N VAL A 175 21.51 -12.58 2.00
CA VAL A 175 21.69 -12.64 0.57
C VAL A 175 22.89 -13.48 0.18
N ALA A 176 24.00 -13.27 0.87
CA ALA A 176 25.21 -14.04 0.64
C ALA A 176 24.89 -15.50 0.86
N ARG A 177 24.09 -15.77 1.89
CA ARG A 177 23.77 -17.17 2.18
C ARG A 177 23.00 -17.82 1.02
N VAL A 178 21.98 -17.13 0.50
CA VAL A 178 21.28 -17.62 -0.69
C VAL A 178 22.30 -17.88 -1.80
N ARG A 179 23.13 -16.88 -2.07
CA ARG A 179 24.04 -16.93 -3.20
C ARG A 179 25.06 -18.05 -3.11
N LYS A 180 25.49 -18.37 -1.89
CA LYS A 180 26.57 -19.32 -1.69
C LYS A 180 26.07 -20.74 -1.41
N SER A 181 24.78 -20.91 -1.21
CA SER A 181 24.30 -22.20 -0.68
C SER A 181 23.89 -23.20 -1.78
N LYS A 182 24.19 -22.90 -3.02
CA LYS A 182 24.05 -23.90 -4.08
C LYS A 182 22.59 -24.36 -4.18
N GLY A 183 21.66 -23.41 -4.02
CA GLY A 183 20.24 -23.66 -4.05
C GLY A 183 19.60 -24.30 -2.85
N LYS A 184 20.35 -24.40 -1.75
CA LYS A 184 19.82 -25.03 -0.54
C LYS A 184 19.37 -24.05 0.56
N TYR A 185 19.32 -22.76 0.26
CA TYR A 185 18.84 -21.78 1.23
C TYR A 185 17.97 -20.71 0.58
N ALA A 186 16.82 -20.43 1.18
CA ALA A 186 15.93 -19.37 0.70
C ALA A 186 15.80 -18.33 1.82
N TYR A 187 15.70 -17.07 1.41
CA TYR A 187 15.75 -15.98 2.40
C TYR A 187 14.47 -15.17 2.36
N LEU A 188 13.83 -14.98 3.51
CA LEU A 188 12.60 -14.20 3.61
C LEU A 188 12.96 -12.77 3.98
N LEU A 189 12.57 -11.81 3.14
CA LEU A 189 12.97 -10.41 3.32
C LEU A 189 11.99 -9.48 2.64
N GLU A 190 12.15 -8.17 2.90
CA GLU A 190 11.27 -7.15 2.28
C GLU A 190 11.27 -7.29 0.77
N SER A 191 10.08 -7.28 0.18
CA SER A 191 9.94 -7.40 -1.26
C SER A 191 10.74 -6.32 -2.02
N THR A 192 10.89 -5.14 -1.44
CA THR A 192 11.59 -4.06 -2.13
C THR A 192 13.07 -4.36 -2.27
N MET A 193 13.67 -4.89 -1.22
CA MET A 193 15.06 -5.28 -1.25
C MET A 193 15.23 -6.51 -2.17
N ASN A 194 14.31 -7.46 -2.06
CA ASN A 194 14.33 -8.65 -2.91
C ASN A 194 14.37 -8.23 -4.38
N GLU A 195 13.49 -7.33 -4.78
CA GLU A 195 13.43 -6.96 -6.19
C GLU A 195 14.62 -6.08 -6.63
N TYR A 196 15.21 -5.34 -5.68
CA TYR A 196 16.46 -4.61 -5.98
C TYR A 196 17.60 -5.58 -6.27
N ILE A 197 17.76 -6.56 -5.39
CA ILE A 197 18.85 -7.51 -5.48
C ILE A 197 18.73 -8.35 -6.73
N GLU A 198 17.51 -8.61 -7.14
CA GLU A 198 17.24 -9.33 -8.37
C GLU A 198 17.80 -8.59 -9.60
N GLN A 199 17.95 -7.28 -9.51
CA GLN A 199 18.48 -6.52 -10.65
C GLN A 199 19.99 -6.19 -10.51
N ARG A 200 20.66 -6.80 -9.54
CA ARG A 200 22.08 -6.54 -9.30
C ARG A 200 22.96 -7.73 -9.72
N LYS A 201 24.08 -7.46 -10.38
CA LYS A 201 25.02 -8.53 -10.70
C LYS A 201 25.39 -9.22 -9.42
N PRO A 202 25.64 -10.54 -9.46
CA PRO A 202 25.69 -11.43 -10.63
C PRO A 202 24.33 -11.92 -11.13
N CYS A 203 23.23 -11.29 -10.75
CA CYS A 203 21.95 -11.68 -11.34
C CYS A 203 21.67 -13.17 -11.16
N ASP A 204 21.95 -13.69 -9.97
CA ASP A 204 21.73 -15.10 -9.71
C ASP A 204 20.62 -15.40 -8.70
N THR A 205 19.84 -14.38 -8.31
CA THR A 205 18.73 -14.63 -7.39
C THR A 205 17.39 -14.24 -8.02
N MET A 206 16.30 -14.67 -7.40
CA MET A 206 14.97 -14.45 -7.94
C MET A 206 13.99 -14.22 -6.80
N LYS A 207 13.04 -13.34 -7.03
CA LYS A 207 11.94 -13.16 -6.08
C LYS A 207 10.82 -14.12 -6.48
N VAL A 208 10.31 -14.88 -5.53
CA VAL A 208 9.22 -15.78 -5.88
C VAL A 208 7.98 -15.65 -5.00
N GLY A 209 6.83 -15.91 -5.61
CA GLY A 209 5.58 -15.94 -4.86
C GLY A 209 5.05 -14.55 -4.58
N GLY A 210 3.80 -14.47 -4.15
CA GLY A 210 3.23 -13.18 -3.83
C GLY A 210 3.81 -12.74 -2.49
N ASN A 211 3.50 -11.53 -2.09
CA ASN A 211 3.91 -11.06 -0.77
C ASN A 211 3.09 -11.72 0.33
N LEU A 212 3.73 -11.99 1.48
CA LEU A 212 3.04 -12.65 2.59
C LEU A 212 2.31 -11.67 3.50
N ASP A 213 2.62 -10.37 3.40
CA ASP A 213 1.92 -9.35 4.19
C ASP A 213 2.02 -8.01 3.45
N SER A 214 1.48 -6.94 4.05
CA SER A 214 1.47 -5.63 3.42
C SER A 214 1.88 -4.59 4.43
N LYS A 215 2.88 -3.76 4.08
CA LYS A 215 3.29 -2.65 4.93
C LYS A 215 3.65 -1.46 4.06
N GLY A 216 4.02 -0.35 4.69
CA GLY A 216 4.44 0.80 3.94
C GLY A 216 5.62 1.49 4.61
N TYR A 217 6.43 2.18 3.81
CA TYR A 217 7.45 3.09 4.33
C TYR A 217 6.81 4.48 4.35
N GLY A 218 7.07 5.24 5.40
CA GLY A 218 6.60 6.61 5.46
C GLY A 218 7.74 7.57 5.85
N ILE A 219 7.50 8.85 5.61
CA ILE A 219 8.45 9.86 6.05
C ILE A 219 8.06 10.16 7.48
N ALA A 220 9.04 10.25 8.39
CA ALA A 220 8.70 10.42 9.79
C ALA A 220 9.09 11.80 10.28
N THR A 221 8.23 12.40 11.11
CA THR A 221 8.51 13.68 11.73
C THR A 221 8.12 13.61 13.21
N PRO A 222 8.69 14.49 14.04
CA PRO A 222 8.31 14.48 15.45
C PRO A 222 6.86 14.92 15.62
N LYS A 223 6.20 14.44 16.67
CA LYS A 223 4.88 14.96 17.05
C LYS A 223 4.93 16.46 17.13
N GLY A 224 3.93 17.14 16.57
CA GLY A 224 3.89 18.58 16.66
C GLY A 224 4.85 19.33 15.76
N SER A 225 5.54 18.61 14.90
CA SER A 225 6.44 19.25 13.96
C SER A 225 5.67 20.20 13.04
N SER A 226 6.30 21.30 12.68
CA SER A 226 5.66 22.27 11.79
C SER A 226 5.74 21.79 10.34
N LEU A 227 6.38 20.64 10.11
CA LEU A 227 6.59 20.07 8.78
C LEU A 227 5.59 18.96 8.46
N GLY A 228 5.07 18.33 9.51
CA GLY A 228 4.26 17.13 9.33
C GLY A 228 3.21 17.23 8.24
N ASN A 229 2.36 18.26 8.34
CA ASN A 229 1.23 18.41 7.43
C ASN A 229 1.70 18.59 5.99
N ALA A 230 2.61 19.54 5.79
CA ALA A 230 3.10 19.79 4.43
C ALA A 230 3.71 18.53 3.83
N VAL A 231 4.50 17.81 4.60
CA VAL A 231 5.18 16.62 4.07
C VAL A 231 4.15 15.55 3.68
N ASN A 232 3.15 15.37 4.52
CA ASN A 232 2.10 14.41 4.21
C ASN A 232 1.39 14.77 2.87
N LEU A 233 1.09 16.05 2.68
CA LEU A 233 0.46 16.46 1.43
C LEU A 233 1.40 16.34 0.25
N ALA A 234 2.69 16.58 0.48
CA ALA A 234 3.67 16.43 -0.61
C ALA A 234 3.76 14.99 -1.08
N VAL A 235 3.73 14.05 -0.15
CA VAL A 235 3.79 12.64 -0.51
C VAL A 235 2.58 12.23 -1.38
N LEU A 236 1.40 12.61 -0.96
CA LEU A 236 0.20 12.42 -1.80
C LEU A 236 0.32 13.05 -3.19
N LYS A 237 0.82 14.29 -3.25
CA LYS A 237 0.99 14.99 -4.52
C LYS A 237 1.96 14.30 -5.47
N LEU A 238 3.10 13.84 -4.93
CA LEU A 238 4.09 13.11 -5.71
C LEU A 238 3.54 11.79 -6.22
N ASN A 239 2.77 11.11 -5.38
CA ASN A 239 2.18 9.84 -5.85
C ASN A 239 1.23 10.13 -7.02
N GLU A 240 0.44 11.17 -6.88
CA GLU A 240 -0.55 11.50 -7.92
C GLU A 240 0.07 12.01 -9.22
N GLN A 241 1.18 12.73 -9.12
CA GLN A 241 1.96 13.13 -10.30
C GLN A 241 2.68 11.96 -10.98
N GLY A 242 2.65 10.79 -10.36
CA GLY A 242 3.36 9.65 -10.91
C GLY A 242 4.85 9.62 -10.56
N LEU A 243 5.29 10.56 -9.75
CA LEU A 243 6.74 10.69 -9.48
C LEU A 243 7.32 9.59 -8.62
N LEU A 244 6.55 9.07 -7.68
CA LEU A 244 7.05 7.99 -6.84
C LEU A 244 7.26 6.73 -7.69
N ASP A 245 6.36 6.48 -8.63
CA ASP A 245 6.54 5.31 -9.51
C ASP A 245 7.74 5.49 -10.46
N LYS A 246 7.91 6.71 -10.95
CA LYS A 246 9.04 7.07 -11.80
C LYS A 246 10.37 6.89 -11.05
N LEU A 247 10.42 7.34 -9.80
CA LEU A 247 11.58 7.09 -8.96
C LEU A 247 11.90 5.63 -8.68
N LYS A 248 10.89 4.83 -8.37
CA LYS A 248 11.11 3.42 -8.12
C LYS A 248 11.69 2.74 -9.38
N ASN A 249 11.08 3.05 -10.52
CA ASN A 249 11.56 2.53 -11.81
C ASN A 249 13.01 2.94 -12.08
N LYS A 250 13.32 4.21 -11.83
CA LYS A 250 14.66 4.71 -12.01
C LYS A 250 15.66 3.91 -11.20
N TRP A 251 15.46 3.82 -9.89
CA TRP A 251 16.48 3.25 -9.02
C TRP A 251 16.53 1.71 -9.00
N TRP A 252 15.41 1.08 -9.32
CA TRP A 252 15.36 -0.39 -9.34
C TRP A 252 15.64 -0.95 -10.74
N TYR A 253 15.03 -0.36 -11.76
CA TYR A 253 15.05 -0.95 -13.10
C TYR A 253 15.92 -0.23 -14.12
N ASP A 254 15.77 1.09 -14.25
CA ASP A 254 16.59 1.83 -15.22
C ASP A 254 18.07 1.66 -14.91
N LYS A 255 18.41 1.62 -13.62
CA LYS A 255 19.80 1.44 -13.20
C LYS A 255 20.10 -0.02 -12.92
N GLY A 256 19.17 -0.90 -13.25
CA GLY A 256 19.37 -2.33 -13.06
C GLY A 256 20.47 -2.91 -13.93
N GLU A 257 21.11 -3.97 -13.46
CA GLU A 257 22.25 -4.57 -14.14
C GLU A 257 21.91 -5.91 -14.78
N CYS A 258 20.61 -6.25 -14.83
CA CYS A 258 20.19 -7.56 -15.31
C CYS A 258 19.14 -7.47 -16.41
N LYS B 1 -23.20 9.92 23.27
CA LYS B 1 -21.94 9.99 22.54
C LYS B 1 -21.79 8.81 21.59
N THR B 2 -22.86 8.43 20.94
CA THR B 2 -22.80 7.42 19.89
C THR B 2 -22.21 8.06 18.64
N VAL B 3 -21.10 7.51 18.17
CA VAL B 3 -20.42 7.99 16.97
C VAL B 3 -21.25 7.67 15.70
N VAL B 4 -21.48 8.67 14.86
CA VAL B 4 -22.17 8.46 13.59
C VAL B 4 -21.19 8.02 12.51
N VAL B 5 -21.34 6.79 12.01
CA VAL B 5 -20.41 6.26 10.99
C VAL B 5 -21.09 6.29 9.65
N THR B 6 -20.55 7.05 8.71
CA THR B 6 -21.14 7.06 7.39
C THR B 6 -20.42 6.04 6.54
N THR B 7 -21.17 5.35 5.71
CA THR B 7 -20.61 4.31 4.88
C THR B 7 -21.48 4.23 3.65
N ILE B 8 -21.14 3.32 2.74
CA ILE B 8 -21.79 3.31 1.44
C ILE B 8 -22.16 1.85 1.16
N LEU B 9 -23.31 1.57 0.56
CA LEU B 9 -23.67 0.19 0.27
C LEU B 9 -22.90 -0.21 -0.97
N GLU B 10 -21.85 -0.99 -0.77
CA GLU B 10 -20.99 -1.47 -1.85
C GLU B 10 -20.43 -2.83 -1.46
N SER B 11 -20.74 -3.88 -2.21
CA SER B 11 -20.23 -5.20 -1.87
C SER B 11 -18.77 -5.34 -2.25
N PRO B 12 -17.99 -6.05 -1.42
CA PRO B 12 -18.43 -6.72 -0.21
C PRO B 12 -18.16 -5.90 1.05
N TYR B 13 -18.11 -4.57 0.96
CA TYR B 13 -17.73 -3.75 2.11
C TYR B 13 -18.90 -3.62 3.05
N VAL B 14 -20.06 -3.29 2.51
CA VAL B 14 -21.27 -3.11 3.31
C VAL B 14 -22.45 -3.65 2.53
N MET B 15 -23.11 -4.64 3.11
CA MET B 15 -24.20 -5.31 2.43
C MET B 15 -25.35 -5.55 3.40
N MET B 16 -26.57 -5.45 2.91
CA MET B 16 -27.75 -5.85 3.67
C MET B 16 -27.73 -7.37 3.86
N LYS B 17 -27.79 -7.85 5.09
CA LYS B 17 -27.90 -9.29 5.31
C LYS B 17 -29.20 -9.79 4.71
N LYS B 18 -29.16 -11.02 4.22
CA LYS B 18 -30.33 -11.63 3.62
C LYS B 18 -31.58 -11.44 4.50
N ASN B 19 -32.65 -10.90 3.92
CA ASN B 19 -33.94 -10.74 4.59
C ASN B 19 -33.90 -9.88 5.85
N HIS B 20 -32.95 -8.96 5.94
CA HIS B 20 -32.90 -8.07 7.09
C HIS B 20 -33.38 -6.67 6.78
N GLU B 21 -33.96 -6.45 5.62
CA GLU B 21 -34.29 -5.08 5.24
C GLU B 21 -35.28 -4.39 6.21
N MET B 22 -36.12 -5.18 6.87
CA MET B 22 -37.06 -4.61 7.81
C MET B 22 -36.63 -4.65 9.27
N LEU B 23 -35.36 -4.99 9.53
CA LEU B 23 -34.86 -5.04 10.89
C LEU B 23 -34.14 -3.74 11.17
N GLU B 24 -33.52 -3.62 12.33
CA GLU B 24 -32.98 -2.32 12.67
C GLU B 24 -31.57 -2.39 13.20
N GLY B 25 -30.91 -1.24 13.22
CA GLY B 25 -29.61 -1.14 13.85
C GLY B 25 -28.48 -1.66 12.97
N ASN B 26 -27.28 -1.66 13.55
CA ASN B 26 -26.08 -2.09 12.88
C ASN B 26 -26.17 -3.54 12.45
N GLU B 27 -27.00 -4.29 13.15
CA GLU B 27 -27.06 -5.72 12.92
C GLU B 27 -27.60 -6.11 11.54
N ARG B 28 -28.27 -5.17 10.87
CA ARG B 28 -28.74 -5.39 9.50
C ARG B 28 -27.62 -5.63 8.49
N TYR B 29 -26.43 -5.14 8.78
CA TYR B 29 -25.37 -5.08 7.77
C TYR B 29 -24.27 -6.09 7.99
N GLU B 30 -23.63 -6.47 6.92
CA GLU B 30 -22.48 -7.34 7.02
C GLU B 30 -21.46 -6.91 5.98
N GLY B 31 -20.22 -7.35 6.15
CA GLY B 31 -19.22 -7.12 5.14
C GLY B 31 -17.91 -6.70 5.73
N TYR B 32 -16.98 -6.43 4.83
CA TYR B 32 -15.63 -6.13 5.25
C TYR B 32 -15.59 -4.86 6.11
N CYS B 33 -16.31 -3.81 5.71
CA CYS B 33 -16.26 -2.56 6.46
C CYS B 33 -17.10 -2.61 7.71
N VAL B 34 -18.08 -3.50 7.73
CA VAL B 34 -18.87 -3.68 8.94
C VAL B 34 -17.98 -4.37 9.95
N ASP B 35 -17.25 -5.41 9.54
CA ASP B 35 -16.30 -6.09 10.45
C ASP B 35 -15.24 -5.10 10.93
N LEU B 36 -14.74 -4.27 10.01
CA LEU B 36 -13.68 -3.35 10.36
C LEU B 36 -14.17 -2.31 11.37
N ALA B 37 -15.38 -1.79 11.14
CA ALA B 37 -15.99 -0.82 12.07
C ALA B 37 -16.09 -1.41 13.47
N ALA B 38 -16.58 -2.63 13.57
CA ALA B 38 -16.68 -3.30 14.87
C ALA B 38 -15.32 -3.37 15.58
N GLU B 39 -14.28 -3.74 14.84
CA GLU B 39 -12.92 -3.76 15.38
C GLU B 39 -12.37 -2.38 15.74
N ILE B 40 -12.62 -1.39 14.89
CA ILE B 40 -12.15 -0.03 15.18
C ILE B 40 -12.83 0.42 16.47
N ALA B 41 -14.14 0.24 16.55
CA ALA B 41 -14.91 0.71 17.70
C ALA B 41 -14.51 -0.02 18.98
N LYS B 42 -14.28 -1.32 18.89
CA LYS B 42 -13.78 -2.08 20.02
C LYS B 42 -12.45 -1.55 20.55
N HIS B 43 -11.54 -1.17 19.65
CA HIS B 43 -10.19 -0.78 20.05
C HIS B 43 -10.09 0.67 20.51
N CYS B 44 -10.99 1.52 20.01
CA CYS B 44 -11.03 2.92 20.42
C CYS B 44 -12.07 3.12 21.52
N GLY B 45 -12.79 2.06 21.84
CA GLY B 45 -13.79 2.05 22.89
C GLY B 45 -15.06 2.87 22.73
N PHE B 46 -15.59 3.01 21.51
CA PHE B 46 -16.80 3.81 21.33
C PHE B 46 -18.00 3.03 20.83
N LYS B 47 -19.18 3.59 21.08
CA LYS B 47 -20.43 3.05 20.56
C LYS B 47 -20.66 3.78 19.27
N TYR B 48 -21.36 3.15 18.33
CA TYR B 48 -21.47 3.78 17.02
C TYR B 48 -22.74 3.35 16.32
N LYS B 49 -23.20 4.16 15.38
CA LYS B 49 -24.32 3.81 14.53
C LYS B 49 -23.89 3.87 13.08
N LEU B 50 -24.03 2.77 12.36
CA LEU B 50 -23.78 2.75 10.92
C LEU B 50 -24.94 3.42 10.18
N THR B 51 -24.63 4.41 9.36
CA THR B 51 -25.64 5.08 8.55
C THR B 51 -25.18 5.08 7.08
N ILE B 52 -26.06 4.77 6.14
CA ILE B 52 -25.66 4.79 4.72
C ILE B 52 -25.75 6.20 4.17
N VAL B 53 -24.66 6.67 3.57
CA VAL B 53 -24.61 8.00 3.00
C VAL B 53 -25.84 8.30 2.11
N GLY B 54 -26.49 9.42 2.39
CA GLY B 54 -27.76 9.77 1.75
C GLY B 54 -27.73 9.81 0.23
N ASP B 55 -26.72 10.45 -0.35
CA ASP B 55 -26.66 10.58 -1.81
C ASP B 55 -25.94 9.40 -2.50
N GLY B 56 -25.49 8.40 -1.74
CA GLY B 56 -24.85 7.23 -2.35
C GLY B 56 -23.52 7.47 -3.05
N LYS B 57 -22.85 8.58 -2.70
CA LYS B 57 -21.58 9.00 -3.31
C LYS B 57 -20.40 8.88 -2.34
N TYR B 58 -19.19 8.77 -2.88
CA TYR B 58 -18.00 8.66 -2.04
C TYR B 58 -17.59 10.06 -1.60
N GLY B 59 -17.40 10.95 -2.56
CA GLY B 59 -17.04 12.29 -2.18
C GLY B 59 -16.21 13.01 -3.19
N ALA B 60 -16.84 13.95 -3.87
CA ALA B 60 -16.18 14.83 -4.81
C ALA B 60 -16.67 16.26 -4.62
N ARG B 61 -15.81 17.20 -4.94
CA ARG B 61 -16.19 18.60 -4.79
C ARG B 61 -16.73 19.11 -6.13
N ASP B 62 -17.99 19.50 -6.15
CA ASP B 62 -18.58 20.07 -7.36
C ASP B 62 -17.75 21.25 -7.91
N ALA B 63 -17.32 21.13 -9.17
CA ALA B 63 -16.50 22.17 -9.80
C ALA B 63 -17.09 23.57 -9.65
N ASP B 64 -18.40 23.67 -9.87
CA ASP B 64 -19.08 24.96 -9.87
C ASP B 64 -19.44 25.47 -8.47
N THR B 65 -20.26 24.70 -7.75
CA THR B 65 -20.69 25.12 -6.42
C THR B 65 -19.60 24.98 -5.36
N LYS B 66 -18.59 24.15 -5.62
CA LYS B 66 -17.53 23.88 -4.67
C LYS B 66 -18.03 23.15 -3.42
N ILE B 67 -19.22 22.57 -3.51
CA ILE B 67 -19.76 21.81 -2.38
C ILE B 67 -19.30 20.33 -2.46
N TRP B 68 -18.85 19.77 -1.34
CA TRP B 68 -18.50 18.34 -1.29
C TRP B 68 -19.74 17.47 -1.18
N ASN B 69 -19.87 16.47 -2.02
CA ASN B 69 -20.97 15.51 -1.87
C ASN B 69 -20.49 14.22 -1.16
N GLY B 70 -21.40 13.27 -1.00
CA GLY B 70 -21.04 11.94 -0.50
C GLY B 70 -20.51 11.88 0.93
N MET B 71 -19.70 10.86 1.19
CA MET B 71 -19.22 10.62 2.54
C MET B 71 -18.29 11.73 2.98
N VAL B 72 -17.50 12.25 2.03
CA VAL B 72 -16.58 13.33 2.36
C VAL B 72 -17.38 14.54 2.80
N GLY B 73 -18.45 14.83 2.08
CA GLY B 73 -19.35 15.92 2.46
C GLY B 73 -19.96 15.75 3.84
N GLU B 74 -20.37 14.53 4.17
CA GLU B 74 -20.95 14.27 5.48
C GLU B 74 -19.95 14.59 6.58
N LEU B 75 -18.69 14.29 6.36
CA LEU B 75 -17.65 14.69 7.30
C LEU B 75 -17.38 16.20 7.27
N VAL B 76 -17.18 16.76 6.09
CA VAL B 76 -16.80 18.16 5.98
C VAL B 76 -17.86 19.09 6.56
N TYR B 77 -19.14 18.76 6.38
CA TYR B 77 -20.21 19.63 6.80
C TYR B 77 -20.77 19.30 8.17
N GLY B 78 -20.18 18.30 8.84
CA GLY B 78 -20.50 18.02 10.23
C GLY B 78 -21.63 17.05 10.47
N LYS B 79 -22.01 16.27 9.47
CA LYS B 79 -23.16 15.36 9.62
C LYS B 79 -22.78 13.92 10.03
N ALA B 80 -21.49 13.59 9.92
CA ALA B 80 -20.99 12.30 10.39
C ALA B 80 -19.67 12.50 11.10
N ASP B 81 -19.30 11.54 11.94
CA ASP B 81 -18.10 11.62 12.74
C ASP B 81 -16.95 10.83 12.11
N ILE B 82 -17.30 9.81 11.36
CA ILE B 82 -16.27 8.93 10.83
C ILE B 82 -16.83 8.26 9.60
N ALA B 83 -15.98 8.03 8.61
CA ALA B 83 -16.40 7.30 7.42
C ALA B 83 -15.54 6.03 7.34
N ILE B 84 -16.19 4.88 7.32
CA ILE B 84 -15.48 3.61 7.25
C ILE B 84 -16.03 3.00 6.00
N ALA B 85 -15.21 3.03 4.95
CA ALA B 85 -15.65 2.72 3.61
C ALA B 85 -14.44 2.62 2.68
N PRO B 86 -14.64 2.09 1.47
CA PRO B 86 -13.49 2.00 0.56
C PRO B 86 -13.24 3.40 -0.03
N LEU B 87 -12.76 4.29 0.82
CA LEU B 87 -12.61 5.68 0.45
C LEU B 87 -11.14 5.95 0.08
N THR B 88 -10.87 6.27 -1.18
CA THR B 88 -9.48 6.45 -1.60
C THR B 88 -8.82 7.67 -0.99
N ILE B 89 -7.58 7.50 -0.51
CA ILE B 89 -6.81 8.58 0.08
C ILE B 89 -6.23 9.39 -1.07
N THR B 90 -6.62 10.65 -1.17
CA THR B 90 -6.20 11.47 -2.30
C THR B 90 -5.83 12.86 -1.76
N LEU B 91 -5.07 13.60 -2.56
CA LEU B 91 -4.60 14.92 -2.10
C LEU B 91 -5.77 15.83 -1.83
N VAL B 92 -6.67 15.96 -2.80
CA VAL B 92 -7.78 16.89 -2.62
C VAL B 92 -8.63 16.58 -1.39
N ARG B 93 -8.80 15.30 -1.08
CA ARG B 93 -9.56 14.93 0.09
C ARG B 93 -8.79 15.19 1.38
N GLU B 94 -7.51 14.83 1.40
CA GLU B 94 -6.70 15.02 2.60
C GLU B 94 -6.56 16.49 2.94
N GLU B 95 -6.84 17.35 1.97
CA GLU B 95 -6.86 18.79 2.22
C GLU B 95 -8.04 19.19 3.10
N VAL B 96 -9.12 18.41 3.07
CA VAL B 96 -10.31 18.80 3.84
C VAL B 96 -10.75 17.83 4.95
N ILE B 97 -10.26 16.57 4.92
CA ILE B 97 -10.57 15.63 5.99
C ILE B 97 -9.27 14.93 6.40
N ASP B 98 -9.28 14.22 7.52
CA ASP B 98 -8.10 13.48 7.94
C ASP B 98 -8.28 12.02 7.57
N PHE B 99 -7.24 11.37 7.04
CA PHE B 99 -7.30 9.92 6.79
C PHE B 99 -6.38 9.15 7.71
N SER B 100 -6.81 7.96 8.12
CA SER B 100 -5.93 6.99 8.74
C SER B 100 -4.87 6.52 7.73
N LYS B 101 -3.84 5.82 8.20
CA LYS B 101 -3.01 5.04 7.29
C LYS B 101 -3.91 4.05 6.56
N PRO B 102 -3.51 3.63 5.35
CA PRO B 102 -4.39 2.81 4.51
C PRO B 102 -4.65 1.47 5.20
N PHE B 103 -5.90 1.01 5.15
CA PHE B 103 -6.22 -0.35 5.61
C PHE B 103 -6.21 -1.34 4.45
N MET B 104 -6.14 -0.84 3.23
CA MET B 104 -6.13 -1.73 2.06
C MET B 104 -5.41 -1.00 0.95
N SER B 105 -4.52 -1.70 0.25
CA SER B 105 -3.87 -1.13 -0.89
C SER B 105 -4.58 -1.57 -2.18
N LEU B 106 -4.50 -0.75 -3.21
CA LEU B 106 -5.13 -1.10 -4.47
C LEU B 106 -4.49 -0.34 -5.60
N GLY B 107 -4.91 -0.64 -6.81
CA GLY B 107 -4.48 0.16 -7.95
C GLY B 107 -5.43 -0.05 -9.11
N ILE B 108 -5.21 0.70 -10.17
CA ILE B 108 -5.99 0.53 -11.40
C ILE B 108 -5.66 -0.77 -12.12
N SER B 109 -6.69 -1.49 -12.56
CA SER B 109 -6.50 -2.80 -13.18
C SER B 109 -7.51 -3.00 -14.32
N ILE B 110 -7.27 -4.01 -15.13
CA ILE B 110 -8.09 -4.25 -16.31
C ILE B 110 -8.99 -5.46 -16.09
N MET B 111 -10.28 -5.29 -16.35
CA MET B 111 -11.20 -6.40 -16.29
C MET B 111 -11.53 -6.84 -17.71
N ILE B 112 -11.44 -8.13 -17.99
CA ILE B 112 -11.85 -8.63 -19.32
C ILE B 112 -12.79 -9.81 -19.16
N LYS B 113 -13.54 -10.09 -20.21
CA LYS B 113 -14.30 -11.32 -20.25
C LYS B 113 -13.30 -12.45 -20.53
N LYS B 114 -13.43 -13.59 -19.87
CA LYS B 114 -12.51 -14.70 -20.10
C LYS B 114 -12.40 -15.00 -21.58
N GLY B 115 -11.17 -15.24 -22.03
CA GLY B 115 -10.92 -15.50 -23.44
C GLY B 115 -10.54 -14.29 -24.27
N THR B 116 -10.71 -13.10 -23.72
CA THR B 116 -10.32 -11.89 -24.46
C THR B 116 -8.82 -11.89 -24.57
N PRO B 117 -8.27 -11.72 -25.78
CA PRO B 117 -6.81 -11.75 -25.98
C PRO B 117 -6.09 -10.46 -25.57
N ILE B 118 -6.07 -10.16 -24.28
CA ILE B 118 -5.43 -8.94 -23.77
C ILE B 118 -4.79 -9.34 -22.47
N GLU B 119 -3.54 -8.94 -22.26
CA GLU B 119 -2.86 -9.24 -21.00
C GLU B 119 -2.33 -8.01 -20.27
N SER B 120 -2.50 -6.83 -20.85
CA SER B 120 -1.84 -5.65 -20.29
C SER B 120 -2.42 -4.40 -20.91
N ALA B 121 -2.21 -3.27 -20.24
CA ALA B 121 -2.57 -1.97 -20.76
C ALA B 121 -1.89 -1.73 -22.11
N GLU B 122 -0.60 -1.98 -22.17
CA GLU B 122 0.09 -1.90 -23.45
C GLU B 122 -0.67 -2.64 -24.57
N ASP B 123 -1.05 -3.90 -24.31
CA ASP B 123 -1.88 -4.69 -25.23
C ASP B 123 -3.13 -3.94 -25.71
N LEU B 124 -3.84 -3.28 -24.78
CA LEU B 124 -5.04 -2.56 -25.13
C LEU B 124 -4.72 -1.38 -26.05
N SER B 125 -3.63 -0.68 -25.73
CA SER B 125 -3.33 0.57 -26.41
C SER B 125 -2.88 0.36 -27.86
N LYS B 126 -2.46 -0.88 -28.19
CA LYS B 126 -1.89 -1.23 -29.48
C LYS B 126 -2.96 -1.58 -30.49
N GLN B 127 -4.17 -1.85 -30.02
CA GLN B 127 -5.19 -2.40 -30.90
C GLN B 127 -6.48 -1.57 -30.84
N THR B 128 -7.45 -1.93 -31.67
CA THR B 128 -8.73 -1.20 -31.67
C THR B 128 -9.96 -2.11 -31.65
N GLU B 129 -9.80 -3.37 -32.01
CA GLU B 129 -10.93 -4.31 -32.02
C GLU B 129 -11.62 -4.42 -30.66
N ILE B 130 -10.85 -4.36 -29.60
CA ILE B 130 -11.45 -4.41 -28.27
C ILE B 130 -11.50 -3.00 -27.70
N ALA B 131 -12.71 -2.51 -27.50
CA ALA B 131 -12.94 -1.23 -26.89
C ALA B 131 -12.64 -1.29 -25.40
N TYR B 132 -12.32 -0.15 -24.82
CA TYR B 132 -12.09 -0.15 -23.39
C TYR B 132 -12.42 1.20 -22.79
N GLY B 133 -12.84 1.20 -21.54
CA GLY B 133 -13.18 2.44 -20.88
C GLY B 133 -13.25 2.30 -19.39
N THR B 134 -13.83 3.32 -18.75
CA THR B 134 -13.86 3.35 -17.31
C THR B 134 -15.08 4.09 -16.87
N LEU B 135 -15.17 4.32 -15.57
CA LEU B 135 -16.28 5.06 -15.01
C LEU B 135 -16.23 6.51 -15.52
N ASP B 136 -17.39 7.08 -15.88
CA ASP B 136 -17.39 8.39 -16.53
C ASP B 136 -16.91 9.50 -15.60
N SER B 137 -17.22 9.40 -14.33
CA SER B 137 -16.70 10.36 -13.38
C SER B 137 -15.97 9.57 -12.32
N GLY B 138 -14.68 9.40 -12.47
CA GLY B 138 -13.97 8.61 -11.50
C GLY B 138 -12.50 8.89 -11.43
N SER B 139 -11.85 8.18 -10.49
CA SER B 139 -10.42 8.29 -10.26
C SER B 139 -9.68 7.74 -11.43
N THR B 140 -10.25 6.73 -12.09
CA THR B 140 -9.50 6.08 -13.15
C THR B 140 -9.39 7.02 -14.32
N LYS B 141 -10.53 7.57 -14.71
CA LYS B 141 -10.55 8.54 -15.78
C LYS B 141 -9.51 9.65 -15.50
N GLU B 142 -9.50 10.17 -14.29
CA GLU B 142 -8.57 11.27 -14.00
C GLU B 142 -7.11 10.82 -14.09
N PHE B 143 -6.85 9.58 -13.71
CA PHE B 143 -5.50 9.05 -13.82
C PHE B 143 -5.05 9.12 -15.27
N PHE B 144 -5.92 8.70 -16.17
CA PHE B 144 -5.53 8.66 -17.57
C PHE B 144 -5.43 10.05 -18.17
N ARG B 145 -6.34 10.93 -17.76
CA ARG B 145 -6.34 12.29 -18.28
C ARG B 145 -5.04 13.02 -17.92
N ARG B 146 -4.50 12.75 -16.73
CA ARG B 146 -3.31 13.46 -16.26
C ARG B 146 -1.99 12.73 -16.57
N SER B 147 -2.07 11.49 -17.03
CA SER B 147 -0.85 10.71 -17.12
C SER B 147 0.12 11.21 -18.19
N LYS B 148 1.42 11.14 -17.88
CA LYS B 148 2.44 11.46 -18.88
C LYS B 148 3.11 10.22 -19.48
N ILE B 149 2.71 9.04 -19.01
CA ILE B 149 3.24 7.80 -19.55
C ILE B 149 2.69 7.63 -20.96
N ALA B 150 3.56 7.33 -21.92
CA ALA B 150 3.15 7.29 -23.31
C ALA B 150 1.96 6.36 -23.53
N VAL B 151 2.08 5.11 -23.08
CA VAL B 151 0.99 4.14 -23.21
C VAL B 151 -0.34 4.67 -22.64
N PHE B 152 -0.30 5.26 -21.44
CA PHE B 152 -1.54 5.71 -20.81
C PHE B 152 -2.08 6.92 -21.54
N ASP B 153 -1.18 7.73 -22.10
CA ASP B 153 -1.63 8.90 -22.87
C ASP B 153 -2.29 8.45 -24.16
N LYS B 154 -1.74 7.41 -24.79
CA LYS B 154 -2.37 6.82 -25.98
C LYS B 154 -3.79 6.33 -25.66
N MET B 155 -3.92 5.59 -24.56
CA MET B 155 -5.24 5.10 -24.14
C MET B 155 -6.20 6.26 -23.87
N TRP B 156 -5.71 7.32 -23.27
CA TRP B 156 -6.57 8.44 -22.92
C TRP B 156 -7.11 9.09 -24.19
N THR B 157 -6.23 9.27 -25.15
CA THR B 157 -6.63 9.88 -26.40
C THR B 157 -7.71 9.05 -27.12
N TYR B 158 -7.54 7.74 -27.14
CA TYR B 158 -8.56 6.85 -27.69
C TYR B 158 -9.89 6.94 -26.94
N MET B 159 -9.83 6.84 -25.62
CA MET B 159 -11.03 6.86 -24.80
C MET B 159 -11.81 8.17 -24.87
N ARG B 160 -11.12 9.30 -24.83
CA ARG B 160 -11.82 10.58 -24.74
C ARG B 160 -12.61 10.81 -26.03
N SER B 161 -12.11 10.29 -27.13
CA SER B 161 -12.71 10.54 -28.44
C SER B 161 -13.62 9.43 -28.95
N ALA B 162 -13.52 8.22 -28.39
CA ALA B 162 -14.28 7.10 -28.92
C ALA B 162 -15.79 7.37 -28.91
N GLU B 163 -16.47 6.82 -29.91
CA GLU B 163 -17.86 7.17 -30.15
C GLU B 163 -18.55 5.93 -30.75
N PRO B 164 -19.59 5.42 -30.08
CA PRO B 164 -20.26 5.98 -28.90
C PRO B 164 -19.38 5.83 -27.66
N SER B 165 -19.79 6.39 -26.54
CA SER B 165 -18.92 6.45 -25.39
C SER B 165 -18.44 5.08 -24.90
N VAL B 166 -17.16 4.98 -24.54
CA VAL B 166 -16.64 3.84 -23.80
C VAL B 166 -16.71 4.03 -22.29
N PHE B 167 -17.23 5.16 -21.84
CA PHE B 167 -17.35 5.41 -20.40
C PHE B 167 -18.68 4.87 -19.91
N VAL B 168 -18.75 4.54 -18.62
CA VAL B 168 -19.98 3.97 -18.09
C VAL B 168 -20.40 4.74 -16.89
N ARG B 169 -21.67 4.62 -16.54
CA ARG B 169 -22.25 5.46 -15.50
C ARG B 169 -21.96 4.94 -14.09
N THR B 170 -21.88 3.63 -13.93
CA THR B 170 -21.61 2.98 -12.65
C THR B 170 -20.75 1.72 -12.87
N THR B 171 -20.13 1.24 -11.80
CA THR B 171 -19.38 -0.03 -11.85
C THR B 171 -20.24 -1.16 -12.35
N ALA B 172 -21.46 -1.26 -11.83
CA ALA B 172 -22.33 -2.34 -12.28
C ALA B 172 -22.48 -2.29 -13.81
N GLU B 173 -22.62 -1.10 -14.37
CA GLU B 173 -22.75 -0.98 -15.82
C GLU B 173 -21.45 -1.39 -16.53
N GLY B 174 -20.29 -1.02 -15.99
CA GLY B 174 -19.02 -1.45 -16.56
C GLY B 174 -18.93 -2.98 -16.60
N VAL B 175 -19.26 -3.62 -15.50
CA VAL B 175 -19.21 -5.07 -15.44
C VAL B 175 -20.18 -5.69 -16.43
N ALA B 176 -21.39 -5.17 -16.48
CA ALA B 176 -22.37 -5.74 -17.41
C ALA B 176 -21.90 -5.62 -18.86
N ARG B 177 -21.24 -4.50 -19.17
CA ARG B 177 -20.76 -4.25 -20.52
C ARG B 177 -19.63 -5.22 -20.88
N VAL B 178 -18.73 -5.49 -19.95
CA VAL B 178 -17.70 -6.53 -20.18
C VAL B 178 -18.44 -7.87 -20.42
N ARG B 179 -19.37 -8.20 -19.53
CA ARG B 179 -20.01 -9.53 -19.60
C ARG B 179 -20.84 -9.74 -20.85
N LYS B 180 -21.49 -8.68 -21.31
CA LYS B 180 -22.37 -8.77 -22.47
C LYS B 180 -21.72 -8.47 -23.82
N SER B 181 -20.45 -8.06 -23.83
CA SER B 181 -19.87 -7.54 -25.06
C SER B 181 -19.04 -8.58 -25.87
N LYS B 182 -19.21 -9.85 -25.53
CA LYS B 182 -18.56 -10.93 -26.30
C LYS B 182 -17.07 -10.71 -26.45
N GLY B 183 -16.41 -10.25 -25.40
CA GLY B 183 -14.98 -10.02 -25.47
C GLY B 183 -14.56 -8.73 -26.14
N LYS B 184 -15.50 -7.86 -26.50
CA LYS B 184 -15.12 -6.67 -27.25
C LYS B 184 -15.10 -5.44 -26.36
N TYR B 185 -15.26 -5.62 -25.06
CA TYR B 185 -15.06 -4.49 -24.14
C TYR B 185 -14.23 -4.87 -22.90
N ALA B 186 -13.26 -4.03 -22.53
CA ALA B 186 -12.50 -4.23 -21.32
C ALA B 186 -12.76 -3.02 -20.43
N TYR B 187 -12.79 -3.25 -19.13
CA TYR B 187 -13.13 -2.18 -18.20
C TYR B 187 -11.97 -1.93 -17.23
N LEU B 188 -11.61 -0.66 -17.04
CA LEU B 188 -10.54 -0.32 -16.14
C LEU B 188 -11.16 0.16 -14.83
N LEU B 189 -10.74 -0.43 -13.72
CA LEU B 189 -11.35 -0.18 -12.42
C LEU B 189 -10.38 -0.52 -11.32
N GLU B 190 -10.77 -0.23 -10.08
CA GLU B 190 -9.92 -0.51 -8.91
C GLU B 190 -9.71 -2.01 -8.83
N SER B 191 -8.49 -2.43 -8.53
CA SER B 191 -8.11 -3.84 -8.48
C SER B 191 -8.95 -4.63 -7.44
N THR B 192 -9.26 -4.00 -6.32
CA THR B 192 -10.06 -4.60 -5.27
C THR B 192 -11.43 -5.01 -5.80
N MET B 193 -12.07 -4.14 -6.56
CA MET B 193 -13.36 -4.53 -7.12
C MET B 193 -13.21 -5.57 -8.25
N ASN B 194 -12.17 -5.42 -9.06
CA ASN B 194 -11.88 -6.38 -10.14
C ASN B 194 -11.74 -7.78 -9.52
N GLU B 195 -10.89 -7.90 -8.49
CA GLU B 195 -10.70 -9.18 -7.83
C GLU B 195 -11.96 -9.73 -7.12
N TYR B 196 -12.82 -8.86 -6.63
CA TYR B 196 -14.12 -9.28 -6.11
C TYR B 196 -15.04 -9.89 -7.17
N ILE B 197 -15.19 -9.17 -8.27
CA ILE B 197 -16.06 -9.58 -9.36
C ILE B 197 -15.57 -10.90 -10.00
N GLU B 198 -14.26 -11.07 -10.09
CA GLU B 198 -13.66 -12.32 -10.56
C GLU B 198 -14.13 -13.52 -9.71
N GLN B 199 -14.53 -13.28 -8.47
CA GLN B 199 -14.99 -14.37 -7.59
C GLN B 199 -16.51 -14.55 -7.52
N ARG B 200 -17.24 -13.90 -8.42
CA ARG B 200 -18.69 -13.95 -8.37
C ARG B 200 -19.23 -14.68 -9.61
N LYS B 201 -20.27 -15.47 -9.41
CA LYS B 201 -20.96 -16.07 -10.55
C LYS B 201 -21.42 -14.96 -11.49
N PRO B 202 -21.37 -15.19 -12.80
CA PRO B 202 -21.04 -16.45 -13.47
C PRO B 202 -19.55 -16.74 -13.66
N CYS B 203 -18.65 -16.10 -12.91
CA CYS B 203 -17.21 -16.39 -13.08
C CYS B 203 -16.76 -16.30 -14.52
N ASP B 204 -17.16 -15.23 -15.21
CA ASP B 204 -16.79 -15.09 -16.61
C ASP B 204 -15.86 -13.90 -16.86
N THR B 205 -15.34 -13.30 -15.80
CA THR B 205 -14.42 -12.19 -15.99
C THR B 205 -13.07 -12.52 -15.35
N MET B 206 -12.05 -11.75 -15.70
CA MET B 206 -10.73 -11.99 -15.15
C MET B 206 -10.03 -10.66 -14.97
N LYS B 207 -9.18 -10.55 -13.95
CA LYS B 207 -8.27 -9.42 -13.81
C LYS B 207 -7.01 -9.73 -14.58
N VAL B 208 -6.56 -8.80 -15.41
CA VAL B 208 -5.29 -9.05 -16.12
C VAL B 208 -4.30 -7.91 -15.94
N GLY B 209 -3.01 -8.24 -15.90
CA GLY B 209 -1.95 -7.25 -15.88
C GLY B 209 -1.62 -6.78 -14.48
N GLY B 210 -0.48 -6.13 -14.31
CA GLY B 210 -0.14 -5.53 -13.03
C GLY B 210 -1.03 -4.31 -12.80
N ASN B 211 -1.06 -3.76 -11.60
CA ASN B 211 -1.79 -2.52 -11.39
C ASN B 211 -1.07 -1.37 -12.09
N LEU B 212 -1.83 -0.43 -12.62
CA LEU B 212 -1.26 0.73 -13.29
C LEU B 212 -0.78 1.82 -12.32
N ASP B 213 -1.34 1.85 -11.11
CA ASP B 213 -0.90 2.83 -10.10
C ASP B 213 -1.06 2.23 -8.71
N SER B 214 -0.78 2.99 -7.67
CA SER B 214 -0.81 2.46 -6.32
C SER B 214 -1.44 3.47 -5.38
N LYS B 215 -2.50 3.06 -4.70
CA LYS B 215 -3.25 3.94 -3.82
C LYS B 215 -3.70 3.13 -2.65
N GLY B 216 -4.36 3.77 -1.69
CA GLY B 216 -4.84 3.05 -0.54
C GLY B 216 -6.20 3.54 -0.11
N TYR B 217 -6.99 2.70 0.55
CA TYR B 217 -8.20 3.17 1.24
C TYR B 217 -7.88 3.56 2.68
N GLY B 218 -8.48 4.64 3.15
CA GLY B 218 -8.31 5.03 4.53
C GLY B 218 -9.64 5.33 5.19
N ILE B 219 -9.67 5.19 6.50
CA ILE B 219 -10.82 5.65 7.31
C ILE B 219 -10.70 7.18 7.44
N ALA B 220 -11.80 7.90 7.28
CA ALA B 220 -11.70 9.35 7.28
C ALA B 220 -12.47 9.94 8.44
N THR B 221 -11.92 11.00 9.01
CA THR B 221 -12.56 11.75 10.08
C THR B 221 -12.47 13.25 9.73
N PRO B 222 -13.37 14.05 10.33
CA PRO B 222 -13.28 15.50 10.14
C PRO B 222 -11.95 16.01 10.68
N LYS B 223 -11.45 17.07 10.07
CA LYS B 223 -10.23 17.74 10.54
C LYS B 223 -10.37 18.10 11.99
N GLY B 224 -9.35 17.77 12.78
CA GLY B 224 -9.33 18.14 14.17
C GLY B 224 -10.08 17.17 15.04
N SER B 225 -10.63 16.11 14.45
CA SER B 225 -11.41 15.19 15.26
C SER B 225 -10.52 14.55 16.33
N SER B 226 -11.09 14.36 17.52
CA SER B 226 -10.38 13.73 18.63
C SER B 226 -10.44 12.21 18.52
N LEU B 227 -10.92 11.73 17.37
CA LEU B 227 -11.06 10.31 17.13
C LEU B 227 -9.92 9.87 16.20
N GLY B 228 -9.41 10.85 15.45
CA GLY B 228 -8.49 10.56 14.36
C GLY B 228 -7.27 9.79 14.82
N ASN B 229 -6.68 10.21 15.93
CA ASN B 229 -5.43 9.59 16.36
C ASN B 229 -5.64 8.13 16.76
N ALA B 230 -6.64 7.89 17.60
CA ALA B 230 -7.03 6.55 18.04
C ALA B 230 -7.33 5.61 16.88
N VAL B 231 -8.15 6.10 15.95
CA VAL B 231 -8.53 5.28 14.81
C VAL B 231 -7.29 4.91 14.02
N ASN B 232 -6.40 5.87 13.86
CA ASN B 232 -5.17 5.61 13.13
C ASN B 232 -4.34 4.48 13.75
N LEU B 233 -4.10 4.54 15.06
CA LEU B 233 -3.33 3.49 15.73
C LEU B 233 -4.05 2.14 15.66
N ALA B 234 -5.37 2.20 15.73
CA ALA B 234 -6.18 1.00 15.63
C ALA B 234 -5.98 0.32 14.27
N VAL B 235 -5.96 1.09 13.19
CA VAL B 235 -5.66 0.51 11.86
C VAL B 235 -4.30 -0.19 11.80
N LEU B 236 -3.26 0.45 12.34
CA LEU B 236 -1.92 -0.15 12.40
C LEU B 236 -1.90 -1.43 13.26
N LYS B 237 -2.60 -1.38 14.38
CA LYS B 237 -2.71 -2.55 15.23
C LYS B 237 -3.35 -3.71 14.48
N LEU B 238 -4.48 -3.45 13.81
CA LEU B 238 -5.21 -4.49 13.11
C LEU B 238 -4.37 -5.06 11.98
N ASN B 239 -3.58 -4.22 11.34
CA ASN B 239 -2.69 -4.75 10.32
C ASN B 239 -1.66 -5.69 10.92
N GLU B 240 -1.08 -5.28 12.04
CA GLU B 240 -0.04 -6.09 12.66
C GLU B 240 -0.56 -7.42 13.24
N GLN B 241 -1.84 -7.44 13.60
CA GLN B 241 -2.46 -8.65 14.09
C GLN B 241 -2.91 -9.54 12.94
N GLY B 242 -2.64 -9.14 11.70
CA GLY B 242 -3.07 -9.89 10.54
C GLY B 242 -4.58 -9.84 10.28
N LEU B 243 -5.30 -9.01 11.04
CA LEU B 243 -6.76 -8.95 10.88
C LEU B 243 -7.21 -8.41 9.52
N LEU B 244 -6.47 -7.46 8.96
CA LEU B 244 -6.91 -6.85 7.71
C LEU B 244 -6.84 -7.89 6.59
N ASP B 245 -5.76 -8.65 6.59
CA ASP B 245 -5.59 -9.68 5.55
C ASP B 245 -6.61 -10.80 5.73
N LYS B 246 -6.90 -11.15 6.98
CA LYS B 246 -7.91 -12.15 7.29
C LYS B 246 -9.29 -11.72 6.78
N LEU B 247 -9.66 -10.47 7.03
CA LEU B 247 -10.93 -9.94 6.55
C LEU B 247 -11.01 -9.92 5.04
N LYS B 248 -9.94 -9.48 4.39
CA LYS B 248 -9.90 -9.49 2.92
C LYS B 248 -10.15 -10.91 2.43
N ASN B 249 -9.41 -11.86 2.98
CA ASN B 249 -9.56 -13.23 2.52
C ASN B 249 -10.98 -13.75 2.73
N LYS B 250 -11.56 -13.45 3.87
CA LYS B 250 -12.91 -13.86 4.16
C LYS B 250 -13.94 -13.37 3.14
N TRP B 251 -13.91 -12.08 2.82
CA TRP B 251 -15.00 -11.50 2.06
C TRP B 251 -14.76 -11.63 0.56
N TRP B 252 -13.51 -11.79 0.15
CA TRP B 252 -13.21 -11.96 -1.29
C TRP B 252 -13.14 -13.44 -1.70
N TYR B 253 -12.50 -14.26 -0.86
CA TYR B 253 -12.17 -15.64 -1.26
C TYR B 253 -12.94 -16.72 -0.51
N ASP B 254 -12.89 -16.71 0.82
CA ASP B 254 -13.73 -17.65 1.56
C ASP B 254 -15.20 -17.57 1.13
N LYS B 255 -15.70 -16.37 0.87
CA LYS B 255 -17.07 -16.21 0.38
C LYS B 255 -17.16 -16.17 -1.16
N GLY B 256 -16.06 -16.53 -1.81
CA GLY B 256 -15.99 -16.56 -3.26
C GLY B 256 -16.82 -17.67 -3.88
N GLU B 257 -17.17 -17.51 -5.16
CA GLU B 257 -18.04 -18.46 -5.84
C GLU B 257 -17.31 -19.14 -7.00
N CYS B 258 -16.04 -18.81 -7.19
CA CYS B 258 -15.28 -19.35 -8.33
C CYS B 258 -13.99 -20.04 -7.88
O7 0YS C . 15.07 -0.71 13.86
C17 0YS C . 15.94 -1.53 13.82
O8 0YS C . 17.25 -1.18 13.39
C9 0YS C . 15.49 -3.00 13.78
N1 0YS C . 14.01 -3.00 13.76
C10 0YS C . 13.29 -4.16 14.28
C11 0YS C . 11.78 -4.26 14.03
C16 0YS C . 11.23 -3.46 12.97
C15 0YS C . 9.83 -3.53 12.64
CL1 0YS C . 9.18 -2.52 11.31
C14 0YS C . 8.94 -4.45 13.39
O6 0YS C . 7.59 -4.56 13.05
C13 0YS C . 9.49 -5.25 14.45
CL 0YS C . 8.38 -6.34 15.33
C12 0YS C . 10.90 -5.19 14.79
O5 0YS C . 13.93 -5.01 14.81
C8 0YS C . 15.99 -3.80 12.52
C7 0YS C . 15.56 -3.21 11.12
C6 0YS C . 16.39 -3.54 9.89
C5 0YS C . 15.41 -3.67 8.73
N2 0YS C . 14.13 -3.43 10.67
C3 0YS C . 14.12 -3.95 9.33
C4 0YS C . 13.75 -5.34 9.34
O4 0YS C . 13.47 -5.84 10.39
O3 0YS C . 13.31 -5.98 8.17
C2 0YS C . 13.03 -3.17 8.51
O2 0YS C . 11.71 -3.54 8.81
C 0YS C . 13.21 -1.64 8.45
N 0YS C . 12.67 -1.13 7.19
C1 0YS C . 12.51 -0.93 9.63
O 0YS C . 12.88 -1.09 10.75
O1 0YS C . 11.84 0.27 9.33
ZN ZN D . 8.23 18.31 -7.92
O7 0YS E . -17.66 10.52 -5.41
C17 0YS E . -17.83 9.51 -5.99
O8 0YS E . -19.06 8.87 -5.77
C9 0YS E . -17.16 9.41 -7.37
N1 0YS E . -15.74 9.76 -7.15
C10 0YS E . -15.04 10.59 -8.12
C11 0YS E . -13.52 10.77 -7.94
C16 0YS E . -12.86 9.98 -6.94
C15 0YS E . -11.44 10.14 -6.75
CL1 0YS E . -10.62 9.11 -5.53
C14 0YS E . -10.65 11.09 -7.59
O6 0YS E . -9.27 11.26 -7.40
C13 0YS E . -11.33 11.86 -8.60
CL 0YS E . -10.38 12.97 -9.63
C12 0YS E . -12.74 11.72 -8.79
O5 0YS E . -15.66 11.21 -8.94
C8 0YS E . -17.12 8.00 -8.03
C7 0YS E . -16.48 6.87 -7.14
C6 0YS E . -16.81 5.44 -7.51
C5 0YS E . -15.64 4.65 -6.96
N2 0YS E . -14.99 6.86 -6.92
C3 0YS E . -14.53 5.52 -7.18
C4 0YS E . -13.98 5.45 -8.50
O4 0YS E . -13.79 6.44 -9.11
O3 0YS E . -13.42 4.26 -8.92
C2 0YS E . -13.37 5.14 -6.19
O2 0YS E . -12.21 5.88 -6.43
C 0YS E . -13.79 5.21 -4.69
N 0YS E . -13.04 4.25 -3.88
C1 0YS E . -13.60 6.65 -4.13
O 0YS E . -14.14 7.61 -4.61
O1 0YS E . -12.93 6.77 -2.90
ZN ZN F . -9.42 -6.77 17.95
ZN ZN G . -29.43 -11.06 12.04
#